data_6BES
#
_entry.id   6BES
#
_entity_poly.entity_id   1
_entity_poly.type   'polypeptide(D)'
_entity_poly.pdbx_seq_one_letter_code
;(DAL)Q(DPR)(DCY)(DLY)DS(DTY)(DCY)P(DSN)
;
_entity_poly.pdbx_strand_id   A
#
# COMPACT_ATOMS: atom_id res chain seq x y z
N GLN A 2 -2.82 4.29 -1.57
CA GLN A 2 -1.41 4.49 -1.88
C GLN A 2 -0.80 3.22 -2.44
N ASP A 6 1.74 -5.54 -2.49
CA ASP A 6 2.46 -5.79 -1.28
C ASP A 6 2.82 -4.59 -0.43
N SER A 7 2.86 -3.36 -0.96
CA SER A 7 3.31 -2.16 -0.29
C SER A 7 2.25 -1.08 -0.43
N PRO A 10 -3.88 2.13 3.08
CA PRO A 10 -4.92 3.13 3.28
C PRO A 10 -4.69 4.45 2.55
N GLN A 2 -3.05 4.39 -1.52
CA GLN A 2 -1.67 4.55 -1.87
C GLN A 2 -0.97 3.24 -2.20
N ASP A 6 1.67 -5.55 -2.26
CA ASP A 6 2.34 -5.78 -1.00
C ASP A 6 2.87 -4.49 -0.39
N SER A 7 3.00 -3.37 -1.11
CA SER A 7 3.50 -2.10 -0.62
C SER A 7 2.46 -0.98 -0.73
N PRO A 10 -3.13 2.55 2.99
CA PRO A 10 -3.85 3.78 3.35
C PRO A 10 -3.99 4.78 2.24
N GLN A 2 -2.94 4.50 -1.65
CA GLN A 2 -1.54 4.58 -2.03
C GLN A 2 -1.01 3.21 -2.43
N ASP A 6 2.06 -5.57 -2.27
CA ASP A 6 2.86 -5.74 -1.07
C ASP A 6 3.26 -4.46 -0.36
N SER A 7 2.91 -3.28 -0.86
CA SER A 7 3.35 -2.03 -0.26
C SER A 7 2.37 -0.91 -0.57
N PRO A 10 -3.62 2.02 2.83
CA PRO A 10 -4.27 3.18 3.40
C PRO A 10 -4.28 4.37 2.48
N GLN A 2 -3.18 4.37 -1.68
CA GLN A 2 -1.80 4.67 -1.97
C GLN A 2 -0.94 3.44 -2.21
N ASP A 6 1.70 -5.79 -2.19
CA ASP A 6 2.21 -6.00 -0.85
C ASP A 6 2.65 -4.71 -0.19
N SER A 7 2.71 -3.60 -0.93
CA SER A 7 3.42 -2.41 -0.47
C SER A 7 2.64 -1.12 -0.68
N PRO A 10 -3.31 2.31 2.79
CA PRO A 10 -4.22 3.35 3.21
C PRO A 10 -4.36 4.54 2.26
N GLN A 2 -3.23 4.51 -1.73
CA GLN A 2 -1.89 4.69 -2.24
C GLN A 2 -1.09 3.39 -2.20
N ASP A 6 2.66 -5.39 -3.02
CA ASP A 6 3.58 -5.74 -1.98
C ASP A 6 3.32 -4.92 -0.72
N SER A 7 3.10 -3.60 -0.85
CA SER A 7 2.82 -2.66 0.21
C SER A 7 1.99 -1.42 -0.13
N PRO A 10 -3.48 2.51 2.74
CA PRO A 10 -3.97 3.80 3.20
C PRO A 10 -4.20 4.84 2.11
N GLN A 2 -3.14 4.54 -1.60
CA GLN A 2 -1.75 4.73 -1.98
C GLN A 2 -1.03 3.42 -2.21
N ASP A 6 1.98 -5.49 -2.08
CA ASP A 6 2.36 -5.65 -0.70
C ASP A 6 3.22 -4.51 -0.16
N SER A 7 2.96 -3.36 -0.79
CA SER A 7 3.59 -2.06 -0.64
C SER A 7 2.48 -1.04 -0.81
N PRO A 10 -3.63 2.07 2.71
CA PRO A 10 -4.30 3.21 3.28
C PRO A 10 -4.32 4.37 2.28
N GLN A 2 -3.35 4.51 -1.71
CA GLN A 2 -2.05 4.77 -2.30
C GLN A 2 -1.22 3.50 -2.50
N ASP A 6 1.70 -5.48 -2.17
CA ASP A 6 2.20 -5.97 -0.89
C ASP A 6 3.04 -4.91 -0.20
N SER A 7 2.93 -3.64 -0.60
CA SER A 7 3.18 -2.46 0.20
C SER A 7 2.34 -1.25 -0.20
N PRO A 10 -3.32 2.08 2.86
CA PRO A 10 -4.02 3.21 3.41
C PRO A 10 -4.07 4.37 2.43
N GLN A 2 -3.02 4.40 -1.49
CA GLN A 2 -1.60 4.44 -1.80
C GLN A 2 -1.07 3.12 -2.35
N ASP A 6 2.02 -5.62 -2.22
CA ASP A 6 2.73 -5.81 -0.96
C ASP A 6 3.09 -4.55 -0.18
N SER A 7 2.77 -3.42 -0.82
CA SER A 7 3.26 -2.13 -0.40
C SER A 7 2.21 -1.02 -0.57
N PRO A 10 -3.52 2.28 2.64
CA PRO A 10 -4.20 3.40 3.29
C PRO A 10 -4.28 4.58 2.35
N GLN A 2 -2.84 4.52 -1.59
CA GLN A 2 -1.51 4.78 -2.12
C GLN A 2 -0.79 3.45 -2.34
N ASP A 6 2.00 -5.60 -2.61
CA ASP A 6 2.89 -5.88 -1.52
C ASP A 6 3.04 -4.73 -0.55
N SER A 7 3.02 -3.46 -0.96
CA SER A 7 3.47 -2.33 -0.17
C SER A 7 2.55 -1.18 -0.56
N PRO A 10 -2.74 2.88 2.74
CA PRO A 10 -3.30 4.12 3.19
C PRO A 10 -3.78 5.13 2.16
N GLN A 2 -2.94 4.35 -1.55
CA GLN A 2 -1.61 4.72 -2.00
C GLN A 2 -0.80 3.46 -2.27
N ASP A 6 1.60 -5.45 -2.16
CA ASP A 6 2.28 -5.78 -0.92
C ASP A 6 2.83 -4.50 -0.32
N SER A 7 3.01 -3.42 -1.07
CA SER A 7 3.63 -2.18 -0.60
C SER A 7 2.56 -1.11 -0.78
N PRO A 10 -2.91 2.62 2.84
CA PRO A 10 -3.72 3.70 3.36
C PRO A 10 -3.98 4.76 2.29
N GLN A 2 -3.00 4.59 -1.84
CA GLN A 2 -1.62 4.77 -2.27
C GLN A 2 -0.94 3.47 -2.63
N ASP A 6 1.86 -5.55 -2.06
CA ASP A 6 2.53 -5.69 -0.78
C ASP A 6 2.85 -4.41 -0.04
N SER A 7 2.84 -3.29 -0.79
CA SER A 7 3.44 -2.03 -0.42
C SER A 7 2.42 -0.92 -0.63
N PRO A 10 -3.61 1.80 2.78
CA PRO A 10 -4.28 2.94 3.33
C PRO A 10 -4.21 4.12 2.37
N GLN A 2 -3.30 4.49 -1.72
CA GLN A 2 -1.94 4.59 -2.20
C GLN A 2 -1.29 3.23 -2.32
N ASP A 6 2.75 -5.40 -2.75
CA ASP A 6 3.24 -5.84 -1.45
C ASP A 6 3.50 -4.77 -0.40
N SER A 7 3.01 -3.54 -0.64
CA SER A 7 3.07 -2.37 0.22
C SER A 7 2.10 -1.30 -0.22
N PRO A 10 -3.47 2.35 2.96
CA PRO A 10 -3.92 3.67 3.42
C PRO A 10 -3.93 4.71 2.32
N GLN A 2 -3.21 4.84 -1.71
CA GLN A 2 -1.93 4.81 -2.39
C GLN A 2 -1.45 3.39 -2.64
N ASP A 6 2.37 -5.73 -1.76
CA ASP A 6 2.91 -5.71 -0.42
C ASP A 6 3.03 -4.31 0.12
N SER A 7 2.90 -3.26 -0.71
CA SER A 7 3.30 -1.91 -0.40
C SER A 7 2.14 -0.95 -0.66
N PRO A 10 -3.94 1.61 2.48
CA PRO A 10 -4.23 2.79 3.27
C PRO A 10 -3.81 4.02 2.48
N GLN A 2 -3.08 4.36 -1.62
CA GLN A 2 -1.70 4.61 -2.00
C GLN A 2 -1.09 3.32 -2.54
N ASP A 6 2.36 -5.49 -2.28
CA ASP A 6 3.00 -5.86 -1.03
C ASP A 6 3.04 -4.69 -0.07
N SER A 7 3.37 -3.51 -0.59
CA SER A 7 3.29 -2.31 0.21
C SER A 7 2.34 -1.28 -0.40
N PRO A 10 -3.89 2.02 2.83
CA PRO A 10 -4.56 3.13 3.47
C PRO A 10 -4.28 4.44 2.75
N GLN A 2 -2.92 4.18 -1.52
CA GLN A 2 -1.50 4.51 -1.61
C GLN A 2 -0.80 3.24 -2.09
N ASP A 6 1.92 -5.60 -2.51
CA ASP A 6 2.71 -5.87 -1.32
C ASP A 6 3.13 -4.61 -0.58
N SER A 7 3.02 -3.39 -1.13
CA SER A 7 3.51 -2.12 -0.61
C SER A 7 2.36 -1.12 -0.63
N PRO A 10 -3.94 2.21 2.99
CA PRO A 10 -4.88 3.31 3.17
C PRO A 10 -4.61 4.61 2.44
N GLN A 2 -2.93 4.85 -1.76
CA GLN A 2 -1.55 5.03 -2.15
C GLN A 2 -0.97 3.67 -2.48
N ASP A 6 2.03 -5.73 -2.36
CA ASP A 6 2.58 -6.18 -1.08
C ASP A 6 2.80 -5.03 -0.12
N SER A 7 2.75 -3.82 -0.64
CA SER A 7 3.19 -2.61 0.04
C SER A 7 2.26 -1.46 -0.30
N PRO A 10 -3.35 2.40 2.82
CA PRO A 10 -4.14 3.44 3.44
C PRO A 10 -4.44 4.60 2.47
N GLN A 2 -2.90 4.51 -1.59
CA GLN A 2 -1.50 4.72 -1.93
C GLN A 2 -0.90 3.36 -2.26
N ASP A 6 1.77 -5.58 -2.02
CA ASP A 6 2.38 -5.72 -0.71
C ASP A 6 2.79 -4.40 -0.06
N SER A 7 3.17 -3.46 -0.92
CA SER A 7 3.51 -2.13 -0.45
C SER A 7 2.45 -1.07 -0.72
N PRO A 10 -3.21 2.16 2.57
CA PRO A 10 -3.96 3.20 3.26
C PRO A 10 -4.23 4.40 2.35
N GLN A 2 -3.24 4.47 -1.71
CA GLN A 2 -1.87 4.78 -2.00
C GLN A 2 -1.13 3.47 -2.19
N ASP A 6 1.59 -5.49 -2.29
CA ASP A 6 1.98 -5.90 -0.96
C ASP A 6 2.40 -4.82 0.04
N SER A 7 2.66 -3.66 -0.57
CA SER A 7 3.31 -2.53 0.07
C SER A 7 2.45 -1.29 -0.14
N PRO A 10 -2.92 2.67 2.57
CA PRO A 10 -3.92 3.54 3.15
C PRO A 10 -4.45 4.52 2.11
N GLN A 2 -3.00 3.86 -1.55
CA GLN A 2 -1.76 4.37 -2.08
C GLN A 2 -0.77 3.23 -2.19
N ASP A 6 1.31 -5.23 -2.26
CA ASP A 6 1.20 -5.50 -0.85
C ASP A 6 1.74 -4.39 0.03
N SER A 7 2.10 -3.25 -0.55
CA SER A 7 3.01 -2.28 0.06
C SER A 7 2.53 -0.87 -0.18
N PRO A 10 -2.96 2.55 2.84
CA PRO A 10 -3.92 3.53 3.29
C PRO A 10 -4.28 4.62 2.29
N GLN A 2 -2.88 4.70 -1.60
CA GLN A 2 -1.49 4.70 -2.01
C GLN A 2 -1.06 3.30 -2.41
N ASP A 6 1.52 -5.21 -2.07
CA ASP A 6 1.87 -5.47 -0.69
C ASP A 6 2.24 -4.19 0.04
N SER A 7 2.49 -3.09 -0.67
CA SER A 7 3.15 -1.87 -0.24
C SER A 7 2.31 -0.63 -0.50
N PRO A 10 -3.57 1.66 2.79
CA PRO A 10 -4.35 2.83 3.11
C PRO A 10 -4.33 3.99 2.13
#